data_8V76
#
_entry.id   8V76
#
_cell.length_a   78.024
_cell.length_b   78.024
_cell.length_c   85.495
_cell.angle_alpha   90.00
_cell.angle_beta   90.00
_cell.angle_gamma   90.00
#
_symmetry.space_group_name_H-M   'P 42 21 2'
#
loop_
_entity.id
_entity.type
_entity.pdbx_description
1 polymer 'Inositol polyphosphate multikinase'
2 non-polymer N-{(3P)-3-[(5P)-5-(2H-tetrazol-5-yl)-2,1-benzoxazol-3-yl]phenyl}cyclopentanecarboxamide
3 non-polymer 'SULFATE ION'
4 water water
#
_entity_poly.entity_id   1
_entity_poly.type   'polypeptide(L)'
_entity_poly.pdbx_seq_one_letter_code
;GSFTSHQVAGHMYGKDKVGILQHPDGTVLKQLQPPPRGPRELEFYNMVYAADCFDGVLLELRKYLPKYYGIWSPPTAPND
LYLKLEDVTHKFNKPCIMDVKIGQKSYDPFASSEKIQQQVSKYPLMEEIGFLVLGMRVYHVHSDSYETENQHYGRSLTKE
TIKDGVSRFFHNGYCLRKDAVAASIQKIEKILQWFENQKQLNFYASSLLFVYEGSSQGGSGGEVEVRMIDFAHVFPSNTI
DEGYVYGLKHLISVLRSILDN
;
_entity_poly.pdbx_strand_id   A
#
loop_
_chem_comp.id
_chem_comp.type
_chem_comp.name
_chem_comp.formula
SO4 non-polymer 'SULFATE ION' 'O4 S -2'
YIU non-polymer N-{(3P)-3-[(5P)-5-(2H-tetrazol-5-yl)-2,1-benzoxazol-3-yl]phenyl}cyclopentanecarboxamide 'C20 H18 N6 O2'
#
# COMPACT_ATOMS: atom_id res chain seq x y z
N ILE A 20 -4.91 -6.85 11.02
CA ILE A 20 -5.24 -5.44 11.41
C ILE A 20 -6.49 -5.45 12.29
N LEU A 21 -6.38 -4.83 13.46
CA LEU A 21 -7.50 -4.63 14.37
C LEU A 21 -7.84 -3.14 14.40
N GLN A 22 -9.10 -2.80 14.14
CA GLN A 22 -9.56 -1.42 14.15
C GLN A 22 -10.01 -1.06 15.56
N HIS A 23 -9.51 0.09 16.05
CA HIS A 23 -9.86 0.59 17.36
C HIS A 23 -10.77 1.80 17.19
N PRO A 24 -11.87 1.92 17.97
CA PRO A 24 -12.73 3.11 17.97
C PRO A 24 -12.03 4.48 18.07
N ASP A 25 -10.82 4.50 18.64
CA ASP A 25 -10.11 5.74 18.89
C ASP A 25 -9.45 6.26 17.60
N GLY A 26 -9.69 5.57 16.48
CA GLY A 26 -9.21 6.02 15.18
C GLY A 26 -7.83 5.47 14.84
N THR A 27 -7.43 4.38 15.52
CA THR A 27 -6.15 3.73 15.25
C THR A 27 -6.41 2.30 14.77
N VAL A 28 -5.36 1.71 14.18
CA VAL A 28 -5.29 0.28 13.96
C VAL A 28 -4.14 -0.28 14.79
N LEU A 29 -4.32 -1.52 15.27
CA LEU A 29 -3.24 -2.29 15.87
C LEU A 29 -2.80 -3.35 14.87
N LYS A 30 -1.54 -3.29 14.44
CA LYS A 30 -0.98 -4.33 13.59
C LYS A 30 -0.06 -5.21 14.40
N GLN A 31 -0.41 -6.49 14.51
CA GLN A 31 0.42 -7.47 15.19
C GLN A 31 1.69 -7.67 14.37
N LEU A 32 2.84 -7.61 15.04
CA LEU A 32 4.12 -7.90 14.39
C LEU A 32 4.05 -9.29 13.76
N GLN A 33 4.47 -9.38 12.49
CA GLN A 33 4.64 -10.65 11.81
C GLN A 33 5.79 -11.40 12.48
N PRO A 34 5.91 -12.74 12.30
CA PRO A 34 7.01 -13.49 12.90
C PRO A 34 8.37 -12.95 12.45
N PRO A 35 9.47 -13.24 13.17
CA PRO A 35 10.79 -12.74 12.78
C PRO A 35 11.21 -13.35 11.44
N PRO A 36 11.96 -12.62 10.58
CA PRO A 36 12.46 -11.27 10.87
C PRO A 36 11.56 -10.11 10.46
N ARG A 37 10.40 -10.40 9.87
CA ARG A 37 9.58 -9.41 9.20
C ARG A 37 9.01 -8.39 10.19
N GLY A 38 8.32 -8.86 11.22
CA GLY A 38 7.73 -7.98 12.22
C GLY A 38 8.76 -7.04 12.85
N PRO A 39 9.87 -7.56 13.41
CA PRO A 39 10.94 -6.72 13.93
C PRO A 39 11.48 -5.67 12.95
N ARG A 40 11.59 -6.04 11.66
CA ARG A 40 12.07 -5.12 10.64
C ARG A 40 11.08 -3.96 10.46
N GLU A 41 9.78 -4.27 10.51
CA GLU A 41 8.76 -3.24 10.34
C GLU A 41 8.76 -2.31 11.55
N LEU A 42 8.94 -2.86 12.76
CA LEU A 42 9.08 -2.05 13.95
C LEU A 42 10.24 -1.07 13.79
N GLU A 43 11.41 -1.58 13.37
CA GLU A 43 12.60 -0.77 13.28
C GLU A 43 12.43 0.32 12.22
N PHE A 44 11.67 0.00 11.16
CA PHE A 44 11.39 0.97 10.11
C PHE A 44 10.65 2.16 10.67
N TYR A 45 9.54 1.89 11.38
CA TYR A 45 8.73 2.96 11.97
C TYR A 45 9.56 3.74 12.99
N ASN A 46 10.37 3.02 13.78
CA ASN A 46 11.19 3.64 14.81
C ASN A 46 12.22 4.59 14.19
N MET A 47 12.83 4.18 13.07
CA MET A 47 13.82 5.00 12.39
C MET A 47 13.17 6.27 11.85
N VAL A 48 12.03 6.11 11.15
CA VAL A 48 11.38 7.21 10.46
C VAL A 48 10.88 8.23 11.47
N TYR A 49 10.24 7.75 12.53
CA TYR A 49 9.57 8.61 13.50
C TYR A 49 10.47 8.86 14.71
N ALA A 50 11.78 8.69 14.53
CA ALA A 50 12.75 9.02 15.58
C ALA A 50 12.61 10.48 15.96
N ALA A 51 12.47 10.74 17.27
CA ALA A 51 12.16 12.07 17.78
C ALA A 51 13.27 13.07 17.40
N ASP A 52 14.52 12.59 17.38
CA ASP A 52 15.67 13.44 17.13
C ASP A 52 16.10 13.37 15.66
N CYS A 53 15.22 12.83 14.79
CA CYS A 53 15.53 12.74 13.37
C CYS A 53 15.32 14.09 12.70
N PHE A 54 16.36 14.57 12.01
CA PHE A 54 16.28 15.79 11.22
C PHE A 54 16.68 15.50 9.77
N ASP A 55 16.58 14.22 9.36
CA ASP A 55 16.82 13.82 7.99
C ASP A 55 15.62 14.26 7.15
N GLY A 56 15.88 15.14 6.18
CA GLY A 56 14.83 15.77 5.37
C GLY A 56 14.01 14.75 4.59
N VAL A 57 14.66 13.68 4.13
CA VAL A 57 13.99 12.61 3.39
C VAL A 57 12.99 11.90 4.29
N LEU A 58 13.41 11.58 5.52
CA LEU A 58 12.58 10.81 6.43
C LEU A 58 11.45 11.69 6.99
N LEU A 59 11.71 12.98 7.19
CA LEU A 59 10.69 13.91 7.65
C LEU A 59 9.59 14.03 6.60
N GLU A 60 9.98 14.14 5.33
CA GLU A 60 9.05 14.24 4.21
C GLU A 60 8.24 12.94 4.08
N LEU A 61 8.87 11.79 4.34
CA LEU A 61 8.24 10.49 4.17
C LEU A 61 7.06 10.32 5.13
N ARG A 62 7.14 10.94 6.31
CA ARG A 62 6.11 10.79 7.34
C ARG A 62 4.72 11.15 6.80
N LYS A 63 4.66 12.12 5.86
CA LYS A 63 3.40 12.58 5.29
C LYS A 63 2.63 11.43 4.64
N TYR A 64 3.34 10.44 4.10
CA TYR A 64 2.75 9.44 3.23
C TYR A 64 2.52 8.12 3.96
N LEU A 65 3.02 8.04 5.20
CA LEU A 65 2.85 6.88 6.06
C LEU A 65 1.64 7.10 6.96
N PRO A 66 1.10 6.03 7.60
CA PRO A 66 0.21 6.22 8.74
C PRO A 66 1.02 6.91 9.82
N LYS A 67 0.37 7.81 10.57
CA LYS A 67 0.99 8.33 11.79
C LYS A 67 1.29 7.13 12.68
N TYR A 68 2.44 7.21 13.37
CA TYR A 68 2.95 6.14 14.21
C TYR A 68 2.83 6.55 15.68
N TYR A 69 2.28 5.66 16.51
CA TYR A 69 2.03 5.94 17.92
C TYR A 69 2.89 5.03 18.80
N GLY A 70 3.88 4.36 18.19
CA GLY A 70 4.82 3.55 18.93
C GLY A 70 4.38 2.09 19.05
N ILE A 71 5.25 1.28 19.64
CA ILE A 71 4.95 -0.12 19.93
C ILE A 71 3.88 -0.17 21.02
N TRP A 72 3.01 -1.19 20.92
CA TRP A 72 1.99 -1.40 21.93
C TRP A 72 1.85 -2.89 22.21
N SER A 73 1.61 -3.23 23.48
N SER A 73 1.61 -3.23 23.48
CA SER A 73 1.32 -4.60 23.88
CA SER A 73 1.32 -4.60 23.88
C SER A 73 0.23 -4.58 24.96
C SER A 73 0.23 -4.58 24.96
N PRO A 74 -0.60 -5.63 25.07
CA PRO A 74 -1.62 -5.69 26.12
C PRO A 74 -1.01 -5.55 27.51
N PRO A 75 -1.69 -4.82 28.44
CA PRO A 75 -1.18 -4.64 29.81
C PRO A 75 -0.68 -5.90 30.50
N THR A 76 -1.31 -7.04 30.18
CA THR A 76 -1.03 -8.31 30.85
C THR A 76 -0.22 -9.26 29.96
N ALA A 77 0.26 -8.79 28.80
CA ALA A 77 0.94 -9.67 27.86
C ALA A 77 2.03 -8.91 27.11
N PRO A 78 3.19 -8.64 27.75
CA PRO A 78 4.32 -7.97 27.09
C PRO A 78 4.90 -8.69 25.87
N ASN A 79 4.64 -10.00 25.77
CA ASN A 79 5.08 -10.82 24.66
C ASN A 79 4.40 -10.42 23.35
N ASP A 80 3.16 -9.90 23.44
CA ASP A 80 2.30 -9.77 22.28
C ASP A 80 2.46 -8.38 21.66
N LEU A 81 3.31 -8.28 20.64
CA LEU A 81 3.80 -7.00 20.13
C LEU A 81 2.91 -6.50 18.98
N TYR A 82 2.52 -5.23 19.06
CA TYR A 82 1.77 -4.57 17.99
C TYR A 82 2.38 -3.21 17.67
N LEU A 83 2.09 -2.74 16.46
CA LEU A 83 2.29 -1.35 16.09
C LEU A 83 0.96 -0.63 16.20
N LYS A 84 0.97 0.54 16.85
CA LYS A 84 -0.22 1.39 16.93
C LYS A 84 -0.10 2.44 15.84
N LEU A 85 -0.99 2.36 14.85
CA LEU A 85 -0.93 3.16 13.64
C LEU A 85 -2.25 3.93 13.47
N GLU A 86 -2.16 5.10 12.83
CA GLU A 86 -3.32 5.81 12.34
C GLU A 86 -4.17 4.89 11.47
N ASP A 87 -5.49 4.88 11.72
CA ASP A 87 -6.43 4.24 10.81
C ASP A 87 -6.74 5.24 9.70
N VAL A 88 -6.19 4.95 8.51
CA VAL A 88 -6.25 5.86 7.37
C VAL A 88 -7.68 5.98 6.84
N THR A 89 -8.57 5.04 7.21
CA THR A 89 -9.94 5.02 6.71
C THR A 89 -10.89 5.73 7.67
N HIS A 90 -10.39 6.21 8.81
CA HIS A 90 -11.23 6.60 9.94
C HIS A 90 -12.15 7.78 9.60
N LYS A 91 -11.67 8.74 8.79
CA LYS A 91 -12.42 9.96 8.56
C LYS A 91 -13.47 9.77 7.47
N PHE A 92 -13.62 8.56 6.95
CA PHE A 92 -14.60 8.27 5.90
C PHE A 92 -15.86 7.66 6.50
N ASN A 93 -17.00 7.92 5.86
CA ASN A 93 -18.28 7.38 6.28
C ASN A 93 -18.45 5.97 5.72
N LYS A 94 -18.44 5.85 4.38
CA LYS A 94 -18.46 4.57 3.71
C LYS A 94 -17.18 4.43 2.88
N PRO A 95 -16.03 4.09 3.50
CA PRO A 95 -14.76 4.04 2.77
C PRO A 95 -14.75 2.93 1.74
N CYS A 96 -14.29 3.28 0.53
CA CYS A 96 -13.91 2.31 -0.48
C CYS A 96 -12.39 2.16 -0.41
N ILE A 97 -11.94 0.91 -0.21
CA ILE A 97 -10.56 0.62 0.14
C ILE A 97 -9.96 -0.32 -0.90
N MET A 98 -8.74 -0.01 -1.36
CA MET A 98 -8.00 -0.91 -2.22
C MET A 98 -6.54 -0.92 -1.76
N ASP A 99 -5.99 -2.14 -1.66
CA ASP A 99 -4.60 -2.36 -1.29
C ASP A 99 -3.85 -2.85 -2.54
N VAL A 100 -2.79 -2.13 -2.92
CA VAL A 100 -2.01 -2.46 -4.10
C VAL A 100 -0.54 -2.60 -3.70
N LYS A 101 -0.01 -3.82 -3.85
CA LYS A 101 1.41 -4.08 -3.66
C LYS A 101 2.20 -3.46 -4.81
N ILE A 102 3.30 -2.76 -4.49
CA ILE A 102 4.06 -1.99 -5.46
C ILE A 102 5.43 -2.61 -5.67
N GLY A 103 5.88 -2.65 -6.93
CA GLY A 103 7.26 -2.99 -7.28
C GLY A 103 7.33 -4.13 -8.30
N GLN A 104 8.56 -4.37 -8.79
CA GLN A 104 8.80 -5.43 -9.76
C GLN A 104 9.17 -6.73 -9.07
N LYS A 105 9.68 -6.63 -7.83
CA LYS A 105 10.09 -7.79 -7.05
C LYS A 105 9.40 -7.75 -5.69
N SER A 106 8.82 -8.88 -5.29
CA SER A 106 8.16 -9.03 -4.00
C SER A 106 9.09 -9.72 -3.00
N TYR A 107 10.24 -10.19 -3.48
CA TYR A 107 11.27 -10.77 -2.62
C TYR A 107 12.32 -9.70 -2.36
N ASP A 108 13.05 -9.83 -1.24
CA ASP A 108 14.02 -8.82 -0.84
C ASP A 108 15.42 -9.30 -1.20
N PRO A 109 16.47 -8.44 -1.05
CA PRO A 109 17.82 -8.78 -1.50
C PRO A 109 18.50 -9.96 -0.80
N PHE A 110 17.88 -10.48 0.27
CA PHE A 110 18.49 -11.53 1.07
C PHE A 110 17.64 -12.80 1.03
N ALA A 111 16.73 -12.89 0.06
CA ALA A 111 15.89 -14.07 -0.09
C ALA A 111 16.71 -15.22 -0.69
N SER A 112 16.43 -16.44 -0.22
CA SER A 112 16.99 -17.65 -0.79
C SER A 112 16.38 -17.91 -2.17
N SER A 113 16.98 -18.82 -2.93
CA SER A 113 16.49 -19.18 -4.26
C SER A 113 15.05 -19.68 -4.19
N GLU A 114 14.73 -20.42 -3.12
CA GLU A 114 13.41 -21.02 -2.94
C GLU A 114 12.39 -19.93 -2.61
N LYS A 115 12.82 -18.98 -1.76
CA LYS A 115 11.97 -17.86 -1.38
C LYS A 115 11.65 -17.00 -2.61
N ILE A 116 12.68 -16.74 -3.44
CA ILE A 116 12.50 -15.98 -4.67
C ILE A 116 11.46 -16.68 -5.54
N GLN A 117 11.64 -18.00 -5.71
CA GLN A 117 10.75 -18.81 -6.51
C GLN A 117 9.33 -18.76 -5.94
N GLN A 118 9.22 -18.86 -4.61
CA GLN A 118 7.94 -18.78 -3.92
C GLN A 118 7.26 -17.45 -4.24
N GLN A 119 8.01 -16.34 -4.13
CA GLN A 119 7.45 -15.01 -4.29
C GLN A 119 7.05 -14.76 -5.74
N VAL A 120 7.91 -15.14 -6.70
CA VAL A 120 7.61 -14.89 -8.10
C VAL A 120 6.43 -15.77 -8.51
N SER A 121 6.38 -16.99 -7.99
CA SER A 121 5.30 -17.94 -8.25
C SER A 121 3.95 -17.33 -7.84
N LYS A 122 3.94 -16.60 -6.72
CA LYS A 122 2.72 -16.01 -6.19
C LYS A 122 2.05 -15.12 -7.24
N TYR A 123 2.86 -14.35 -7.98
CA TYR A 123 2.37 -13.56 -9.09
C TYR A 123 3.51 -13.31 -10.08
N PRO A 124 3.66 -14.15 -11.12
CA PRO A 124 4.81 -14.05 -12.03
C PRO A 124 4.79 -12.85 -12.99
N LEU A 125 3.73 -12.03 -12.93
CA LEU A 125 3.62 -10.85 -13.79
C LEU A 125 4.14 -9.60 -13.08
N MET A 126 4.74 -9.76 -11.89
CA MET A 126 5.08 -8.63 -11.06
C MET A 126 6.14 -7.77 -11.76
N GLU A 127 7.09 -8.43 -12.44
CA GLU A 127 8.17 -7.74 -13.13
C GLU A 127 7.59 -6.89 -14.26
N GLU A 128 6.63 -7.45 -15.00
CA GLU A 128 6.09 -6.83 -16.20
C GLU A 128 5.18 -5.65 -15.84
N ILE A 129 4.33 -5.82 -14.81
CA ILE A 129 3.30 -4.84 -14.50
C ILE A 129 3.79 -3.87 -13.42
N GLY A 130 4.47 -4.39 -12.39
CA GLY A 130 5.07 -3.55 -11.37
C GLY A 130 4.12 -3.24 -10.22
N PHE A 131 2.94 -3.88 -10.21
CA PHE A 131 2.04 -3.78 -9.08
C PHE A 131 1.07 -4.96 -9.10
N LEU A 132 0.44 -5.21 -7.95
CA LEU A 132 -0.52 -6.28 -7.78
C LEU A 132 -1.60 -5.84 -6.80
N VAL A 133 -2.87 -6.01 -7.19
CA VAL A 133 -3.98 -5.67 -6.31
C VAL A 133 -4.13 -6.80 -5.30
N LEU A 134 -3.98 -6.47 -4.00
CA LEU A 134 -4.12 -7.44 -2.93
C LEU A 134 -5.59 -7.64 -2.58
N GLY A 135 -6.40 -6.59 -2.76
CA GLY A 135 -7.83 -6.68 -2.57
C GLY A 135 -8.50 -5.32 -2.64
N MET A 136 -9.84 -5.32 -2.64
CA MET A 136 -10.61 -4.10 -2.53
C MET A 136 -11.92 -4.37 -1.80
N ARG A 137 -12.42 -3.32 -1.13
CA ARG A 137 -13.78 -3.26 -0.63
C ARG A 137 -14.44 -2.03 -1.25
N VAL A 138 -15.52 -2.25 -2.01
CA VAL A 138 -16.19 -1.18 -2.74
C VAL A 138 -17.63 -1.09 -2.25
N TYR A 139 -17.98 0.06 -1.66
CA TYR A 139 -19.35 0.32 -1.23
C TYR A 139 -20.20 0.64 -2.46
N HIS A 140 -21.38 0.01 -2.54
CA HIS A 140 -22.32 0.22 -3.62
C HIS A 140 -23.57 0.90 -3.07
N VAL A 141 -23.87 2.10 -3.59
CA VAL A 141 -24.96 2.92 -3.10
C VAL A 141 -26.29 2.22 -3.37
N HIS A 142 -26.44 1.66 -4.57
CA HIS A 142 -27.72 1.14 -5.03
C HIS A 142 -28.20 -0.01 -4.14
N SER A 143 -27.26 -0.84 -3.65
CA SER A 143 -27.59 -1.98 -2.83
C SER A 143 -27.32 -1.71 -1.35
N ASP A 144 -26.61 -0.61 -1.06
CA ASP A 144 -26.18 -0.29 0.29
C ASP A 144 -25.41 -1.49 0.86
N SER A 145 -24.37 -1.90 0.14
CA SER A 145 -23.61 -3.09 0.47
C SER A 145 -22.19 -2.99 -0.10
N TYR A 146 -21.32 -3.87 0.38
CA TYR A 146 -19.92 -3.90 -0.02
C TYR A 146 -19.65 -5.07 -0.95
N GLU A 147 -18.92 -4.79 -2.04
CA GLU A 147 -18.31 -5.81 -2.88
C GLU A 147 -16.86 -5.98 -2.46
N THR A 148 -16.45 -7.22 -2.15
CA THR A 148 -15.09 -7.48 -1.70
C THR A 148 -14.38 -8.40 -2.71
N GLU A 149 -13.12 -8.06 -3.01
CA GLU A 149 -12.25 -8.92 -3.79
C GLU A 149 -11.06 -9.30 -2.92
N ASN A 150 -10.66 -10.58 -3.02
CA ASN A 150 -9.58 -11.15 -2.24
C ASN A 150 -8.32 -11.20 -3.11
N GLN A 151 -7.27 -11.88 -2.62
CA GLN A 151 -5.96 -11.84 -3.24
C GLN A 151 -5.96 -12.55 -4.59
N HIS A 152 -6.89 -13.48 -4.81
CA HIS A 152 -6.96 -14.22 -6.06
C HIS A 152 -7.47 -13.34 -7.20
N TYR A 153 -8.22 -12.28 -6.87
CA TYR A 153 -8.72 -11.34 -7.87
C TYR A 153 -7.55 -10.69 -8.60
N GLY A 154 -6.68 -10.01 -7.85
CA GLY A 154 -5.54 -9.29 -8.42
C GLY A 154 -4.53 -10.24 -9.07
N ARG A 155 -4.34 -11.43 -8.49
CA ARG A 155 -3.39 -12.39 -9.01
C ARG A 155 -3.88 -13.01 -10.32
N SER A 156 -5.17 -12.84 -10.65
N SER A 156 -5.17 -12.84 -10.65
CA SER A 156 -5.73 -13.33 -11.89
CA SER A 156 -5.72 -13.35 -11.89
C SER A 156 -5.58 -12.32 -13.01
C SER A 156 -5.61 -12.31 -13.01
N LEU A 157 -5.23 -11.07 -12.67
CA LEU A 157 -5.17 -10.00 -13.64
C LEU A 157 -3.90 -10.10 -14.48
N THR A 158 -4.06 -9.84 -15.78
CA THR A 158 -2.97 -9.83 -16.75
C THR A 158 -2.88 -8.43 -17.37
N LYS A 159 -1.92 -8.26 -18.29
CA LYS A 159 -1.78 -7.00 -19.01
C LYS A 159 -3.07 -6.66 -19.74
N GLU A 160 -3.80 -7.69 -20.20
CA GLU A 160 -5.01 -7.50 -20.98
C GLU A 160 -6.17 -7.01 -20.09
N THR A 161 -6.15 -7.39 -18.81
CA THR A 161 -7.29 -7.16 -17.93
C THR A 161 -6.98 -6.21 -16.77
N ILE A 162 -5.76 -5.66 -16.70
CA ILE A 162 -5.36 -4.89 -15.53
C ILE A 162 -6.16 -3.57 -15.46
N LYS A 163 -6.42 -2.92 -16.60
CA LYS A 163 -7.10 -1.65 -16.58
C LYS A 163 -8.51 -1.82 -16.02
N ASP A 164 -9.26 -2.79 -16.55
CA ASP A 164 -10.61 -3.08 -16.08
C ASP A 164 -10.57 -3.62 -14.65
N GLY A 165 -9.51 -4.35 -14.31
CA GLY A 165 -9.33 -4.88 -12.97
C GLY A 165 -9.26 -3.77 -11.92
N VAL A 166 -8.54 -2.70 -12.26
CA VAL A 166 -8.37 -1.55 -11.39
C VAL A 166 -9.63 -0.68 -11.38
N SER A 167 -10.27 -0.52 -12.55
N SER A 167 -10.23 -0.51 -12.57
CA SER A 167 -11.41 0.39 -12.68
CA SER A 167 -11.42 0.32 -12.76
C SER A 167 -12.60 -0.10 -11.86
C SER A 167 -12.52 -0.09 -11.77
N ARG A 168 -12.66 -1.40 -11.55
CA ARG A 168 -13.69 -1.96 -10.69
C ARG A 168 -13.77 -1.22 -9.35
N PHE A 169 -12.60 -0.83 -8.81
CA PHE A 169 -12.52 -0.15 -7.53
C PHE A 169 -13.34 1.15 -7.53
N PHE A 170 -13.42 1.82 -8.69
CA PHE A 170 -13.97 3.15 -8.81
C PHE A 170 -15.42 3.13 -9.34
N HIS A 171 -16.04 1.96 -9.38
CA HIS A 171 -17.44 1.85 -9.77
C HIS A 171 -18.31 2.06 -8.53
N ASN A 172 -18.82 3.30 -8.37
CA ASN A 172 -19.55 3.71 -7.18
C ASN A 172 -20.39 4.95 -7.50
N GLY A 173 -21.62 4.98 -7.00
CA GLY A 173 -22.49 6.13 -7.13
C GLY A 173 -23.10 6.25 -8.54
N TYR A 174 -23.47 5.11 -9.12
CA TYR A 174 -24.12 5.03 -10.41
C TYR A 174 -23.21 5.56 -11.52
N CYS A 175 -21.89 5.43 -11.34
CA CYS A 175 -20.94 6.01 -12.26
C CYS A 175 -19.52 5.49 -12.00
N LEU A 176 -18.62 5.79 -12.93
CA LEU A 176 -17.18 5.69 -12.70
C LEU A 176 -16.72 6.96 -11.98
N ARG A 177 -16.08 6.77 -10.82
CA ARG A 177 -15.65 7.87 -9.97
C ARG A 177 -14.33 8.44 -10.48
N LYS A 178 -14.40 9.21 -11.58
CA LYS A 178 -13.22 9.78 -12.19
C LYS A 178 -12.60 10.85 -11.28
N ASP A 179 -13.41 11.45 -10.41
CA ASP A 179 -12.90 12.34 -9.38
C ASP A 179 -11.88 11.63 -8.50
N ALA A 180 -12.22 10.41 -8.05
CA ALA A 180 -11.35 9.63 -7.17
C ALA A 180 -10.13 9.14 -7.95
N VAL A 181 -10.32 8.82 -9.24
CA VAL A 181 -9.23 8.38 -10.09
C VAL A 181 -8.22 9.51 -10.24
N ALA A 182 -8.69 10.71 -10.58
CA ALA A 182 -7.81 11.86 -10.79
C ALA A 182 -7.08 12.22 -9.49
N ALA A 183 -7.81 12.22 -8.36
CA ALA A 183 -7.23 12.52 -7.07
C ALA A 183 -6.13 11.50 -6.73
N SER A 184 -6.38 10.23 -7.05
CA SER A 184 -5.43 9.16 -6.79
C SER A 184 -4.13 9.40 -7.55
N ILE A 185 -4.25 9.80 -8.82
CA ILE A 185 -3.08 10.10 -9.63
C ILE A 185 -2.27 11.21 -8.97
N GLN A 186 -2.95 12.26 -8.52
CA GLN A 186 -2.29 13.44 -7.97
C GLN A 186 -1.53 13.08 -6.69
N LYS A 187 -2.11 12.21 -5.85
CA LYS A 187 -1.48 11.84 -4.59
C LYS A 187 -0.34 10.85 -4.81
N ILE A 188 -0.50 9.91 -5.75
CA ILE A 188 0.56 8.99 -6.11
C ILE A 188 1.76 9.79 -6.65
N GLU A 189 1.48 10.85 -7.42
CA GLU A 189 2.53 11.65 -8.04
C GLU A 189 3.45 12.25 -6.98
N LYS A 190 2.89 12.65 -5.83
CA LYS A 190 3.67 13.21 -4.75
C LYS A 190 4.58 12.14 -4.14
N ILE A 191 4.04 10.92 -4.00
CA ILE A 191 4.81 9.81 -3.47
C ILE A 191 5.96 9.49 -4.43
N LEU A 192 5.67 9.53 -5.74
CA LEU A 192 6.68 9.29 -6.76
C LEU A 192 7.78 10.34 -6.67
N GLN A 193 7.39 11.60 -6.44
CA GLN A 193 8.33 12.70 -6.31
C GLN A 193 9.26 12.45 -5.11
N TRP A 194 8.70 11.92 -4.02
CA TRP A 194 9.51 11.56 -2.86
C TRP A 194 10.56 10.52 -3.27
N PHE A 195 10.11 9.47 -3.97
CA PHE A 195 10.99 8.38 -4.37
C PHE A 195 12.08 8.85 -5.32
N GLU A 196 11.79 9.89 -6.12
CA GLU A 196 12.77 10.38 -7.07
C GLU A 196 13.75 11.34 -6.40
N ASN A 197 13.54 11.63 -5.10
CA ASN A 197 14.42 12.51 -4.35
C ASN A 197 15.05 11.79 -3.16
N GLN A 198 15.15 10.45 -3.23
CA GLN A 198 15.79 9.69 -2.18
C GLN A 198 16.47 8.46 -2.78
N LYS A 199 17.63 8.10 -2.20
CA LYS A 199 18.34 6.87 -2.54
C LYS A 199 18.94 6.28 -1.28
N GLN A 200 18.11 6.08 -0.25
CA GLN A 200 18.58 5.51 1.00
C GLN A 200 17.69 4.36 1.45
N LEU A 201 16.53 4.17 0.80
CA LEU A 201 15.60 3.12 1.15
C LEU A 201 15.04 2.48 -0.12
N ASN A 202 15.02 1.13 -0.13
CA ASN A 202 14.33 0.37 -1.16
C ASN A 202 13.25 -0.46 -0.49
N PHE A 203 12.08 -0.54 -1.13
CA PHE A 203 10.86 -1.08 -0.52
C PHE A 203 10.37 -2.29 -1.31
N TYR A 204 10.33 -3.47 -0.66
CA TYR A 204 9.86 -4.69 -1.29
C TYR A 204 8.59 -5.17 -0.58
N ALA A 205 7.62 -5.64 -1.37
CA ALA A 205 6.36 -6.17 -0.86
C ALA A 205 5.61 -5.16 0.01
N SER A 206 5.82 -3.86 -0.21
N SER A 206 5.80 -3.87 -0.28
CA SER A 206 5.04 -2.83 0.45
CA SER A 206 5.08 -2.79 0.39
C SER A 206 3.89 -2.41 -0.45
C SER A 206 3.89 -2.40 -0.47
N SER A 207 2.91 -1.72 0.14
CA SER A 207 1.63 -1.43 -0.50
C SER A 207 1.30 0.06 -0.49
N LEU A 208 0.40 0.44 -1.41
CA LEU A 208 -0.37 1.67 -1.29
C LEU A 208 -1.80 1.30 -0.89
N LEU A 209 -2.30 1.99 0.14
CA LEU A 209 -3.69 1.89 0.54
C LEU A 209 -4.43 3.08 -0.05
N PHE A 210 -5.39 2.79 -0.94
CA PHE A 210 -6.28 3.78 -1.54
C PHE A 210 -7.59 3.79 -0.76
N VAL A 211 -8.06 5.00 -0.42
CA VAL A 211 -9.37 5.14 0.20
C VAL A 211 -10.07 6.31 -0.46
N TYR A 212 -11.36 6.14 -0.80
CA TYR A 212 -12.21 7.25 -1.18
C TYR A 212 -13.58 7.07 -0.56
N GLU A 213 -14.37 8.14 -0.60
CA GLU A 213 -15.67 8.19 0.06
C GLU A 213 -16.75 7.65 -0.88
N GLY A 214 -17.42 6.58 -0.45
CA GLY A 214 -18.42 5.89 -1.26
C GLY A 214 -19.85 6.35 -0.99
N SER A 215 -20.09 7.08 0.12
CA SER A 215 -21.44 7.41 0.54
C SER A 215 -22.08 8.43 -0.41
N VAL A 224 -9.81 11.86 -0.82
CA VAL A 224 -9.10 10.59 -1.15
C VAL A 224 -7.87 10.47 -0.25
N GLU A 225 -7.55 9.23 0.15
CA GLU A 225 -6.28 8.93 0.80
C GLU A 225 -5.50 7.95 -0.08
N VAL A 226 -4.20 8.19 -0.20
CA VAL A 226 -3.27 7.21 -0.71
C VAL A 226 -2.07 7.20 0.23
N ARG A 227 -1.89 6.10 0.95
CA ARG A 227 -0.79 5.99 1.90
C ARG A 227 0.06 4.71 1.75
N MET A 228 1.34 4.86 2.01
CA MET A 228 2.25 3.73 2.00
C MET A 228 2.08 2.91 3.30
N ILE A 229 1.98 1.59 3.17
CA ILE A 229 1.87 0.69 4.31
C ILE A 229 2.71 -0.56 4.07
N ASP A 230 2.97 -1.29 5.17
CA ASP A 230 3.50 -2.65 5.18
C ASP A 230 5.00 -2.65 4.87
N PHE A 231 5.82 -2.55 5.92
CA PHE A 231 7.24 -2.25 5.78
C PHE A 231 8.13 -3.35 6.37
N ALA A 232 7.73 -4.61 6.18
CA ALA A 232 8.47 -5.76 6.68
C ALA A 232 9.69 -6.03 5.80
N HIS A 233 9.76 -5.44 4.59
CA HIS A 233 10.90 -5.66 3.70
C HIS A 233 11.43 -4.34 3.13
N VAL A 234 11.70 -3.38 4.01
CA VAL A 234 12.33 -2.13 3.61
C VAL A 234 13.80 -2.18 4.02
N PHE A 235 14.69 -1.89 3.06
CA PHE A 235 16.12 -2.07 3.30
C PHE A 235 16.88 -0.78 2.98
N PRO A 236 18.06 -0.55 3.61
CA PRO A 236 18.95 0.53 3.20
C PRO A 236 19.46 0.28 1.78
N SER A 237 19.71 1.37 1.05
CA SER A 237 20.16 1.30 -0.33
C SER A 237 21.04 2.51 -0.62
N ASN A 238 21.68 2.51 -1.80
CA ASN A 238 22.41 3.67 -2.27
C ASN A 238 22.01 3.98 -3.72
N THR A 239 20.82 3.50 -4.12
CA THR A 239 20.31 3.72 -5.46
C THR A 239 18.83 4.09 -5.39
N ILE A 240 18.32 4.63 -6.51
CA ILE A 240 16.89 4.82 -6.69
C ILE A 240 16.20 3.46 -6.57
N ASP A 241 15.01 3.46 -5.98
CA ASP A 241 14.19 2.26 -5.93
C ASP A 241 13.49 2.14 -7.28
N GLU A 242 14.18 1.54 -8.26
CA GLU A 242 13.75 1.61 -9.64
C GLU A 242 12.48 0.80 -9.86
N GLY A 243 12.34 -0.32 -9.13
CA GLY A 243 11.17 -1.17 -9.26
C GLY A 243 9.91 -0.49 -8.73
N TYR A 244 10.05 0.22 -7.61
CA TYR A 244 8.94 0.93 -7.01
C TYR A 244 8.51 2.06 -7.94
N VAL A 245 9.49 2.81 -8.47
CA VAL A 245 9.21 3.91 -9.38
C VAL A 245 8.48 3.37 -10.60
N TYR A 246 8.95 2.24 -11.16
CA TYR A 246 8.30 1.62 -12.31
C TYR A 246 6.84 1.30 -12.01
N GLY A 247 6.60 0.70 -10.85
CA GLY A 247 5.26 0.36 -10.39
C GLY A 247 4.34 1.58 -10.30
N LEU A 248 4.82 2.65 -9.66
CA LEU A 248 4.06 3.89 -9.52
C LEU A 248 3.73 4.46 -10.89
N LYS A 249 4.72 4.47 -11.79
CA LYS A 249 4.54 5.06 -13.10
C LYS A 249 3.51 4.29 -13.91
N HIS A 250 3.54 2.95 -13.81
CA HIS A 250 2.60 2.13 -14.55
C HIS A 250 1.20 2.29 -13.95
N LEU A 251 1.11 2.36 -12.62
CA LEU A 251 -0.17 2.55 -11.96
C LEU A 251 -0.78 3.88 -12.39
N ILE A 252 0.02 4.94 -12.42
CA ILE A 252 -0.41 6.25 -12.88
C ILE A 252 -0.92 6.17 -14.32
N SER A 253 -0.18 5.44 -15.18
N SER A 253 -0.19 5.43 -15.17
CA SER A 253 -0.53 5.32 -16.58
CA SER A 253 -0.53 5.31 -16.58
C SER A 253 -1.88 4.61 -16.74
C SER A 253 -1.88 4.61 -16.74
N VAL A 254 -2.12 3.57 -15.95
CA VAL A 254 -3.38 2.83 -15.98
C VAL A 254 -4.52 3.75 -15.54
N LEU A 255 -4.33 4.44 -14.41
CA LEU A 255 -5.34 5.34 -13.87
C LEU A 255 -5.65 6.45 -14.87
N ARG A 256 -4.63 6.96 -15.54
CA ARG A 256 -4.81 8.00 -16.55
C ARG A 256 -5.72 7.51 -17.67
N SER A 257 -5.53 6.25 -18.10
N SER A 257 -5.52 6.25 -18.09
CA SER A 257 -6.30 5.69 -19.19
CA SER A 257 -6.28 5.66 -19.18
C SER A 257 -7.77 5.53 -18.79
C SER A 257 -7.76 5.53 -18.79
N ILE A 258 -8.01 5.26 -17.50
CA ILE A 258 -9.36 5.10 -16.98
C ILE A 258 -10.13 6.41 -17.07
N LEU A 259 -9.42 7.54 -16.97
CA LEU A 259 -10.04 8.85 -17.09
C LEU A 259 -10.64 9.08 -18.48
N ASP A 260 -10.25 8.25 -19.46
CA ASP A 260 -10.74 8.38 -20.82
C ASP A 260 -11.93 7.46 -21.09
N ASN A 261 -12.39 6.72 -20.07
CA ASN A 261 -13.47 5.75 -20.23
C ASN A 261 -14.77 6.46 -20.64
C1 YIU B . -8.59 -3.69 3.79
C2 YIU B . -7.93 -4.62 2.78
N4 YIU B . 0.37 -3.12 7.38
C5 YIU B . -9.35 -5.51 1.00
C6 YIU B . -8.78 -5.82 2.38
C7 YIU B . -7.93 -2.03 5.54
C8 YIU B . -6.86 -1.28 5.97
C9 YIU B . -7.03 -0.33 6.98
C12 YIU B . -3.69 -0.88 7.42
C13 YIU B . -2.33 -0.78 7.71
C14 YIU B . -1.44 -1.90 7.48
C15 YIU B . -1.82 0.44 8.21
C16 YIU B . -2.62 1.54 8.43
C17 YIU B . -4.01 1.42 8.13
C18 YIU B . -8.30 -0.15 7.55
C19 YIU B . -9.37 -0.89 7.10
C20 YIU B . -9.20 -1.83 6.10
O1 YIU B . -9.81 -3.61 3.90
C3 YIU B . -7.65 -3.93 1.48
C4 YIU B . -8.95 -4.11 0.69
N1 YIU B . -7.71 -2.97 4.51
C10 YIU B . -5.88 0.46 7.46
C11 YIU B . -4.53 0.21 7.63
N2 YIU B . -1.78 -3.08 6.98
N3 YIU B . -0.66 -3.83 6.93
N5 YIU B . -0.12 -1.93 7.72
N6 YIU B . -4.94 2.36 8.26
O2 YIU B . -6.13 1.73 7.83
S SO4 C . -23.30 2.02 -6.93
O1 SO4 C . -23.16 2.72 -8.18
O2 SO4 C . -22.46 2.65 -5.95
O3 SO4 C . -22.90 0.65 -7.11
O4 SO4 C . -24.67 2.08 -6.50
#